data_3AHU
#
_entry.id   3AHU
#
_cell.length_a   91.921
_cell.length_b   92.504
_cell.length_c   114.918
_cell.angle_alpha   90.00
_cell.angle_beta   90.00
_cell.angle_gamma   90.00
#
_symmetry.space_group_name_H-M   'F 2 2 2'
#
loop_
_entity.id
_entity.type
_entity.pdbx_description
1 polymer 'Protein hfq'
2 polymer "5'-R(*AP*GP*AP*GP*AP*G)-3'"
3 water water
#
loop_
_entity_poly.entity_id
_entity_poly.type
_entity_poly.pdbx_seq_one_letter_code
_entity_poly.pdbx_strand_id
1 'polypeptide(L)' GPLGSMKPINIQDQFLNQIRKENTYVTVFLLNGFQLRGQVKGFDNFTVLLESEGKQQLIYKHAISTFAPQKNVQLELE A,B,C
2 'polyribonucleotide' AGAGAG X
#
# COMPACT_ATOMS: atom_id res chain seq x y z
N ASN A 10 12.44 -11.76 -21.23
CA ASN A 10 12.04 -11.22 -19.89
C ASN A 10 12.21 -12.31 -18.87
N ILE A 11 13.23 -12.22 -18.02
CA ILE A 11 13.38 -13.22 -16.98
C ILE A 11 12.38 -13.21 -15.86
N GLN A 12 11.99 -12.03 -15.40
CA GLN A 12 11.04 -11.90 -14.30
C GLN A 12 9.76 -12.60 -14.59
N ASP A 13 9.23 -12.40 -15.76
CA ASP A 13 7.93 -12.93 -16.04
C ASP A 13 7.99 -14.42 -16.29
N GLN A 14 9.10 -14.89 -16.82
CA GLN A 14 9.29 -16.29 -17.03
C GLN A 14 9.42 -16.91 -15.69
N PHE A 15 10.40 -16.45 -14.96
CA PHE A 15 10.65 -16.95 -13.62
C PHE A 15 9.41 -17.09 -12.76
N LEU A 16 8.55 -16.08 -12.87
CA LEU A 16 7.38 -15.96 -12.09
C LEU A 16 6.19 -16.68 -12.69
N ASN A 17 6.09 -16.74 -14.01
CA ASN A 17 5.04 -17.61 -14.49
C ASN A 17 5.34 -19.13 -14.26
N GLN A 18 6.62 -19.51 -14.38
CA GLN A 18 7.08 -20.89 -14.09
C GLN A 18 6.85 -21.34 -12.64
N ILE A 19 6.93 -20.44 -11.65
CA ILE A 19 6.72 -20.82 -10.26
C ILE A 19 5.21 -20.82 -9.91
N ARG A 20 4.48 -20.07 -10.70
CA ARG A 20 3.08 -20.06 -10.58
C ARG A 20 2.45 -21.39 -11.15
N LYS A 21 2.94 -21.79 -12.34
CA LYS A 21 2.67 -23.05 -13.03
C LYS A 21 3.03 -24.30 -12.18
N GLU A 22 4.32 -24.54 -11.99
CA GLU A 22 4.82 -25.52 -11.05
C GLU A 22 4.23 -25.56 -9.62
N ASN A 23 3.58 -24.48 -9.20
CA ASN A 23 2.99 -24.32 -7.84
C ASN A 23 4.03 -24.43 -6.80
N THR A 24 5.21 -23.98 -7.14
CA THR A 24 6.34 -23.99 -6.26
C THR A 24 6.18 -23.16 -4.96
N TYR A 25 6.79 -23.67 -3.90
CA TYR A 25 6.91 -23.00 -2.60
C TYR A 25 8.10 -22.01 -2.72
N VAL A 26 7.85 -20.73 -2.39
CA VAL A 26 8.94 -19.82 -2.62
C VAL A 26 9.00 -19.14 -1.32
N THR A 27 10.23 -18.77 -0.90
CA THR A 27 10.36 -17.80 0.11
C THR A 27 10.46 -16.42 -0.61
N VAL A 28 9.66 -15.47 -0.16
CA VAL A 28 9.73 -14.09 -0.58
C VAL A 28 10.28 -13.32 0.57
N PHE A 29 11.50 -12.84 0.46
CA PHE A 29 12.08 -11.96 1.45
C PHE A 29 11.65 -10.58 1.05
N LEU A 30 11.20 -9.80 2.03
CA LEU A 30 10.69 -8.47 1.83
C LEU A 30 11.87 -7.56 2.03
N LEU A 31 11.69 -6.30 1.69
CA LEU A 31 12.78 -5.30 1.88
C LEU A 31 13.17 -5.14 3.37
N ASN A 32 12.24 -5.37 4.28
CA ASN A 32 12.59 -5.30 5.66
C ASN A 32 13.27 -6.53 6.28
N GLY A 33 13.39 -7.64 5.51
CA GLY A 33 13.95 -8.87 6.03
C GLY A 33 12.85 -9.89 6.26
N PHE A 34 11.59 -9.44 6.31
CA PHE A 34 10.52 -10.32 6.65
C PHE A 34 10.43 -11.42 5.67
N GLN A 35 9.97 -12.60 6.05
CA GLN A 35 9.90 -13.69 5.11
C GLN A 35 8.51 -14.25 5.00
N LEU A 36 8.05 -14.45 3.79
CA LEU A 36 6.79 -15.06 3.59
C LEU A 36 7.09 -16.27 2.78
N ARG A 37 6.12 -17.16 2.73
CA ARG A 37 6.22 -18.39 2.02
C ARG A 37 4.84 -18.79 1.58
N GLY A 38 4.73 -19.35 0.39
CA GLY A 38 3.45 -19.74 -0.07
C GLY A 38 3.65 -19.94 -1.52
N GLN A 39 2.59 -19.84 -2.26
CA GLN A 39 2.75 -20.06 -3.65
C GLN A 39 2.08 -18.89 -4.36
N VAL A 40 2.69 -18.54 -5.46
CA VAL A 40 2.18 -17.49 -6.35
C VAL A 40 0.85 -17.86 -7.05
N LYS A 41 -0.24 -17.12 -6.86
CA LYS A 41 -1.44 -17.29 -7.71
C LYS A 41 -1.72 -16.38 -8.92
N GLY A 42 -0.80 -15.46 -9.24
CA GLY A 42 -1.04 -14.34 -10.23
C GLY A 42 0.03 -13.26 -9.94
N PHE A 43 0.32 -12.48 -10.96
CA PHE A 43 1.05 -11.26 -10.86
C PHE A 43 0.63 -10.26 -11.93
N ASP A 44 0.94 -9.01 -11.72
CA ASP A 44 0.84 -8.01 -12.74
C ASP A 44 2.13 -7.21 -12.74
N ASN A 45 2.16 -6.04 -13.36
CA ASN A 45 3.41 -5.32 -13.46
C ASN A 45 3.82 -4.71 -12.15
N PHE A 46 2.90 -4.56 -11.23
CA PHE A 46 3.17 -3.96 -9.94
C PHE A 46 3.05 -4.86 -8.68
N THR A 47 2.31 -5.94 -8.77
CA THR A 47 1.95 -6.80 -7.66
C THR A 47 2.19 -8.33 -7.96
N VAL A 48 2.40 -9.10 -6.84
CA VAL A 48 2.40 -10.58 -6.74
C VAL A 48 1.21 -11.04 -5.77
N LEU A 49 0.31 -11.90 -6.23
CA LEU A 49 -0.68 -12.54 -5.27
C LEU A 49 -0.11 -13.86 -4.75
N LEU A 50 0.13 -13.87 -3.45
CA LEU A 50 0.71 -15.03 -2.84
C LEU A 50 -0.37 -15.68 -1.96
N GLU A 51 -0.56 -17.01 -2.09
CA GLU A 51 -1.28 -17.79 -1.02
C GLU A 51 -0.26 -18.37 -0.08
N SER A 52 -0.50 -18.10 1.18
CA SER A 52 0.36 -18.50 2.25
C SER A 52 -0.54 -18.94 3.38
N GLU A 53 -0.85 -20.22 3.41
CA GLU A 53 -1.75 -20.73 4.42
C GLU A 53 -3.14 -20.25 4.14
N GLY A 54 -3.77 -20.86 3.15
CA GLY A 54 -5.11 -20.52 2.75
C GLY A 54 -5.39 -19.06 2.63
N LYS A 55 -4.45 -18.20 2.99
CA LYS A 55 -4.74 -16.80 2.80
C LYS A 55 -4.06 -16.20 1.60
N GLN A 56 -4.79 -15.36 0.90
CA GLN A 56 -4.23 -14.56 -0.22
C GLN A 56 -3.58 -13.30 0.34
N GLN A 57 -2.31 -13.06 0.03
CA GLN A 57 -1.72 -11.72 0.29
C GLN A 57 -1.26 -11.02 -1.01
N LEU A 58 -1.75 -9.78 -1.26
CA LEU A 58 -1.33 -8.96 -2.42
C LEU A 58 -0.10 -8.25 -1.99
N ILE A 59 1.06 -8.61 -2.53
CA ILE A 59 2.34 -7.94 -2.17
C ILE A 59 2.69 -6.98 -3.35
N TYR A 60 3.14 -5.80 -3.07
CA TYR A 60 3.71 -4.95 -4.10
C TYR A 60 5.10 -5.35 -4.47
N LYS A 61 5.44 -5.37 -5.75
CA LYS A 61 6.85 -5.72 -6.09
C LYS A 61 7.83 -4.77 -5.52
N HIS A 62 7.39 -3.52 -5.29
CA HIS A 62 8.37 -2.55 -4.66
C HIS A 62 8.68 -2.93 -3.26
N ALA A 63 7.94 -3.87 -2.65
CA ALA A 63 8.33 -4.19 -1.25
C ALA A 63 9.15 -5.50 -1.18
N ILE A 64 9.33 -6.14 -2.31
CA ILE A 64 10.03 -7.43 -2.42
C ILE A 64 11.45 -7.21 -2.72
N SER A 65 12.29 -7.98 -2.01
CA SER A 65 13.68 -8.05 -2.26
C SER A 65 14.07 -9.25 -3.27
N THR A 66 13.71 -10.49 -2.84
CA THR A 66 14.24 -11.78 -3.41
C THR A 66 13.13 -12.83 -3.35
N PHE A 67 12.92 -13.57 -4.43
CA PHE A 67 12.06 -14.76 -4.42
C PHE A 67 13.04 -15.94 -4.36
N ALA A 68 13.03 -16.74 -3.28
CA ALA A 68 13.95 -18.01 -3.21
C ALA A 68 13.02 -19.21 -3.32
N PRO A 69 13.05 -19.87 -4.46
CA PRO A 69 12.10 -20.91 -4.74
C PRO A 69 12.65 -22.23 -4.22
N GLN A 70 11.85 -23.27 -4.16
CA GLN A 70 12.29 -24.53 -3.59
C GLN A 70 12.90 -25.51 -4.57
N LYS A 71 12.45 -25.50 -5.81
CA LYS A 71 13.23 -26.12 -6.85
C LYS A 71 13.51 -25.06 -7.89
N ASN A 72 14.77 -24.99 -8.30
CA ASN A 72 15.25 -24.08 -9.29
C ASN A 72 14.26 -24.11 -10.46
N VAL A 73 14.25 -23.08 -11.31
CA VAL A 73 13.24 -22.93 -12.42
C VAL A 73 13.90 -23.05 -13.78
N GLN A 74 13.17 -23.57 -14.79
CA GLN A 74 13.65 -23.67 -16.21
C GLN A 74 13.28 -22.47 -17.05
N LEU A 75 14.29 -21.71 -17.52
CA LEU A 75 14.05 -20.51 -18.36
C LEU A 75 15.18 -20.17 -19.41
N ASN B 10 -5.02 -7.01 -14.79
CA ASN B 10 -4.71 -6.29 -13.58
C ASN B 10 -5.28 -7.02 -12.30
N ILE B 11 -4.52 -7.83 -11.62
CA ILE B 11 -4.92 -8.26 -10.29
C ILE B 11 -5.12 -7.13 -9.28
N GLN B 12 -4.18 -6.20 -9.19
CA GLN B 12 -4.22 -5.22 -8.14
C GLN B 12 -5.56 -4.57 -8.11
N ASP B 13 -6.04 -4.20 -9.26
CA ASP B 13 -7.28 -3.50 -9.30
C ASP B 13 -8.50 -4.41 -9.05
N GLN B 14 -8.43 -5.64 -9.49
CA GLN B 14 -9.43 -6.63 -9.14
C GLN B 14 -9.45 -6.70 -7.63
N PHE B 15 -8.41 -7.26 -7.07
CA PHE B 15 -8.28 -7.34 -5.65
C PHE B 15 -8.91 -6.17 -4.90
N LEU B 16 -8.32 -4.98 -5.06
CA LEU B 16 -8.74 -3.76 -4.36
C LEU B 16 -10.16 -3.22 -4.57
N ASN B 17 -10.64 -3.23 -5.80
CA ASN B 17 -12.09 -2.88 -5.99
C ASN B 17 -13.13 -3.84 -5.31
N GLN B 18 -12.78 -5.10 -5.13
CA GLN B 18 -13.66 -6.03 -4.50
C GLN B 18 -13.62 -5.75 -3.04
N ILE B 19 -12.42 -5.81 -2.48
CA ILE B 19 -12.19 -5.51 -1.10
C ILE B 19 -12.86 -4.19 -0.82
N ARG B 20 -13.09 -3.42 -1.84
CA ARG B 20 -13.74 -2.14 -1.61
C ARG B 20 -15.25 -2.25 -1.62
N LYS B 21 -15.80 -3.04 -2.51
CA LYS B 21 -17.24 -3.05 -2.60
C LYS B 21 -17.93 -4.16 -1.80
N GLU B 22 -17.15 -5.06 -1.25
CA GLU B 22 -17.57 -6.08 -0.32
C GLU B 22 -17.18 -5.65 1.09
N ASN B 23 -16.75 -4.41 1.21
CA ASN B 23 -16.41 -3.79 2.52
C ASN B 23 -15.55 -4.59 3.45
N THR B 24 -14.67 -5.39 2.87
CA THR B 24 -13.86 -6.32 3.60
C THR B 24 -12.97 -5.53 4.54
N TYR B 25 -12.74 -6.11 5.70
CA TYR B 25 -11.75 -5.54 6.54
C TYR B 25 -10.37 -6.05 6.03
N VAL B 26 -9.41 -5.14 6.04
CA VAL B 26 -8.09 -5.46 5.52
C VAL B 26 -7.07 -4.99 6.52
N THR B 27 -6.11 -5.83 6.92
CA THR B 27 -4.77 -5.30 7.36
C THR B 27 -3.75 -4.85 6.20
N VAL B 28 -3.25 -3.64 6.30
CA VAL B 28 -2.33 -3.17 5.36
C VAL B 28 -1.05 -3.31 6.13
N PHE B 29 -0.11 -4.14 5.69
CA PHE B 29 1.24 -4.09 6.20
C PHE B 29 2.08 -3.09 5.45
N LEU B 30 2.80 -2.25 6.15
CA LEU B 30 3.64 -1.28 5.50
C LEU B 30 5.12 -1.68 5.40
N LEU B 31 5.90 -0.90 4.68
CA LEU B 31 7.31 -1.20 4.49
C LEU B 31 8.04 -1.29 5.78
N ASN B 32 7.74 -0.42 6.72
CA ASN B 32 8.44 -0.49 7.98
C ASN B 32 8.06 -1.61 8.96
N GLY B 33 7.08 -2.48 8.59
CA GLY B 33 6.43 -3.33 9.54
C GLY B 33 5.13 -2.76 10.21
N PHE B 34 4.85 -1.44 10.21
CA PHE B 34 3.54 -1.09 10.83
C PHE B 34 2.33 -1.78 10.20
N GLN B 35 1.37 -2.25 11.04
CA GLN B 35 0.11 -2.86 10.60
C GLN B 35 -1.17 -2.06 10.91
N LEU B 36 -1.93 -1.77 9.83
CA LEU B 36 -3.06 -0.84 9.86
C LEU B 36 -4.24 -1.65 9.50
N ARG B 37 -5.40 -1.29 9.98
CA ARG B 37 -6.58 -2.13 9.77
C ARG B 37 -7.74 -1.24 9.45
N GLY B 38 -8.52 -1.68 8.48
CA GLY B 38 -9.53 -0.77 7.98
C GLY B 38 -10.26 -1.32 6.82
N GLN B 39 -11.02 -0.43 6.22
CA GLN B 39 -11.70 -0.73 4.95
C GLN B 39 -11.26 0.27 3.93
N VAL B 40 -11.11 -0.23 2.71
CA VAL B 40 -10.68 0.62 1.58
C VAL B 40 -11.85 1.46 1.10
N LYS B 41 -11.88 2.76 1.21
CA LYS B 41 -13.01 3.39 0.59
C LYS B 41 -12.75 4.01 -0.82
N GLY B 42 -11.54 3.85 -1.36
CA GLY B 42 -11.07 4.56 -2.59
C GLY B 42 -9.64 4.14 -2.96
N PHE B 43 -9.35 4.21 -4.23
CA PHE B 43 -8.00 4.09 -4.68
C PHE B 43 -7.76 4.71 -6.06
N ASP B 44 -6.58 5.24 -6.25
CA ASP B 44 -6.10 5.67 -7.54
C ASP B 44 -4.80 4.98 -7.85
N ASN B 45 -4.03 5.54 -8.75
CA ASN B 45 -2.85 4.86 -9.21
C ASN B 45 -1.81 4.92 -8.17
N PHE B 46 -1.87 5.94 -7.36
CA PHE B 46 -0.77 6.17 -6.37
C PHE B 46 -1.11 5.87 -4.89
N THR B 47 -2.40 5.89 -4.62
CA THR B 47 -2.79 6.07 -3.16
C THR B 47 -3.91 5.14 -2.93
N VAL B 48 -4.03 4.69 -1.66
CA VAL B 48 -5.17 3.92 -1.15
C VAL B 48 -5.86 4.83 0.04
N LEU B 49 -7.18 4.92 -0.05
CA LEU B 49 -8.06 5.59 1.03
C LEU B 49 -8.58 4.54 2.02
N LEU B 50 -8.04 4.52 3.23
CA LEU B 50 -8.38 3.47 4.22
C LEU B 50 -9.28 4.14 5.33
N GLU B 51 -10.53 3.65 5.50
CA GLU B 51 -11.37 3.83 6.77
C GLU B 51 -10.72 3.03 7.92
N SER B 52 -9.94 3.64 8.81
CA SER B 52 -9.19 2.73 9.76
C SER B 52 -9.10 3.28 11.13
N GLU B 53 -9.80 2.62 12.06
CA GLU B 53 -10.06 3.04 13.47
C GLU B 53 -10.49 4.54 13.69
N GLY B 54 -11.74 4.85 13.28
CA GLY B 54 -12.26 6.21 13.28
C GLY B 54 -11.99 6.97 11.98
N LYS B 55 -10.70 7.02 11.58
CA LYS B 55 -10.18 8.00 10.59
C LYS B 55 -10.09 7.56 9.08
N GLN B 56 -10.18 8.54 8.16
CA GLN B 56 -9.90 8.38 6.70
C GLN B 56 -8.44 8.59 6.54
N GLN B 57 -7.64 7.57 6.28
CA GLN B 57 -6.15 7.82 6.04
C GLN B 57 -5.77 7.60 4.58
N LEU B 58 -5.16 8.58 3.94
CA LEU B 58 -4.78 8.39 2.56
C LEU B 58 -3.39 7.66 2.62
N ILE B 59 -3.33 6.38 2.29
CA ILE B 59 -2.01 5.66 2.23
C ILE B 59 -1.27 5.76 0.78
N TYR B 60 -0.02 6.25 0.65
CA TYR B 60 0.82 6.07 -0.66
C TYR B 60 1.08 4.58 -0.93
N LYS B 61 0.64 4.04 -2.07
CA LYS B 61 0.97 2.66 -2.43
C LYS B 61 2.45 2.36 -2.21
N HIS B 62 3.32 3.35 -2.39
CA HIS B 62 4.81 3.14 -2.32
C HIS B 62 5.21 2.78 -0.90
N ALA B 63 4.25 2.88 0.05
CA ALA B 63 4.69 2.66 1.45
C ALA B 63 4.06 1.40 1.96
N ILE B 64 3.25 0.87 1.15
CA ILE B 64 2.58 -0.38 1.43
C ILE B 64 3.47 -1.56 0.93
N SER B 65 3.53 -2.56 1.75
CA SER B 65 4.20 -3.80 1.43
C SER B 65 3.09 -4.76 0.99
N THR B 66 2.02 -4.92 1.76
CA THR B 66 1.11 -6.15 1.70
C THR B 66 -0.35 -5.87 2.19
N PHE B 67 -1.34 -6.38 1.45
CA PHE B 67 -2.74 -6.42 1.88
C PHE B 67 -3.09 -7.78 2.30
N ALA B 68 -3.53 -7.94 3.55
CA ALA B 68 -3.93 -9.22 4.07
C ALA B 68 -5.45 -9.17 4.35
N PRO B 69 -6.23 -9.76 3.43
CA PRO B 69 -7.65 -9.46 3.55
C PRO B 69 -8.31 -10.30 4.73
N GLN B 70 -9.45 -9.85 5.27
CA GLN B 70 -10.20 -10.60 6.37
C GLN B 70 -10.78 -11.89 5.79
N LYS B 71 -11.40 -11.76 4.63
CA LYS B 71 -11.80 -12.95 3.87
C LYS B 71 -11.23 -12.84 2.47
N ASN B 72 -10.62 -13.96 2.02
CA ASN B 72 -10.08 -14.12 0.71
C ASN B 72 -11.06 -13.72 -0.42
N VAL B 73 -10.48 -13.09 -1.46
CA VAL B 73 -11.13 -12.33 -2.52
C VAL B 73 -11.29 -13.26 -3.72
N GLN B 74 -12.36 -13.07 -4.50
CA GLN B 74 -12.56 -13.88 -5.73
C GLN B 74 -12.06 -13.23 -7.05
N LEU B 75 -11.01 -13.81 -7.65
CA LEU B 75 -10.20 -13.15 -8.71
C LEU B 75 -9.96 -13.91 -10.05
N ASN C 10 -9.57 10.83 -9.23
CA ASN C 10 -8.24 11.05 -8.57
C ASN C 10 -8.35 11.45 -7.09
N ILE C 11 -8.20 10.49 -6.19
CA ILE C 11 -8.37 10.72 -4.77
C ILE C 11 -7.30 11.50 -4.02
N GLN C 12 -6.08 11.02 -4.19
CA GLN C 12 -4.95 11.86 -3.77
C GLN C 12 -5.21 13.36 -3.98
N ASP C 13 -5.54 13.74 -5.19
CA ASP C 13 -5.56 15.16 -5.45
C ASP C 13 -6.82 15.92 -4.85
N GLN C 14 -7.96 15.23 -4.59
CA GLN C 14 -9.20 15.86 -3.95
C GLN C 14 -8.90 15.87 -2.47
N PHE C 15 -8.47 14.72 -1.93
CA PHE C 15 -7.84 14.67 -0.56
C PHE C 15 -6.88 15.82 -0.25
N LEU C 16 -5.82 15.99 -1.00
CA LEU C 16 -4.90 16.99 -0.64
C LEU C 16 -5.46 18.41 -0.81
N ASN C 17 -6.22 18.66 -1.86
CA ASN C 17 -6.61 20.05 -2.14
C ASN C 17 -7.61 20.50 -1.04
N GLN C 18 -8.59 19.64 -0.80
CA GLN C 18 -9.58 19.82 0.27
C GLN C 18 -8.98 19.98 1.70
N ILE C 19 -8.00 19.14 2.11
CA ILE C 19 -7.40 19.37 3.44
C ILE C 19 -6.55 20.65 3.42
N ARG C 20 -6.30 21.17 2.23
CA ARG C 20 -5.49 22.38 2.09
C ARG C 20 -6.35 23.67 2.24
N LYS C 21 -7.63 23.50 1.92
CA LYS C 21 -8.54 24.64 1.74
C LYS C 21 -9.13 24.94 3.10
N GLU C 22 -9.25 23.86 3.87
CA GLU C 22 -9.82 23.79 5.20
C GLU C 22 -8.82 23.70 6.36
N ASN C 23 -7.54 23.91 6.04
CA ASN C 23 -6.46 23.87 7.00
C ASN C 23 -6.67 22.75 8.00
N THR C 24 -7.20 21.65 7.49
CA THR C 24 -7.38 20.51 8.29
C THR C 24 -6.03 20.29 8.98
N TYR C 25 -6.06 19.79 10.19
CA TYR C 25 -4.83 19.51 10.85
C TYR C 25 -4.58 18.11 10.48
N VAL C 26 -3.34 17.83 10.15
CA VAL C 26 -3.13 16.51 9.53
C VAL C 26 -1.96 15.86 10.23
N THR C 27 -2.09 14.58 10.58
CA THR C 27 -0.82 13.85 10.90
C THR C 27 -0.19 13.23 9.58
N VAL C 28 0.97 13.72 9.13
CA VAL C 28 1.77 12.96 8.14
C VAL C 28 2.72 11.94 8.77
N PHE C 29 2.49 10.66 8.57
CA PHE C 29 3.48 9.70 9.01
C PHE C 29 4.52 9.43 7.93
N LEU C 30 5.78 9.55 8.24
CA LEU C 30 6.80 9.28 7.25
C LEU C 30 7.09 7.82 7.12
N LEU C 31 7.85 7.46 6.10
CA LEU C 31 8.23 6.09 5.83
C LEU C 31 8.97 5.55 6.98
N ASN C 32 9.75 6.36 7.64
CA ASN C 32 10.58 5.89 8.77
C ASN C 32 9.78 5.65 10.12
N GLY C 33 8.50 5.88 10.14
CA GLY C 33 7.79 6.02 11.36
C GLY C 33 7.65 7.42 11.94
N PHE C 34 8.64 8.30 11.77
CA PHE C 34 8.56 9.63 12.31
C PHE C 34 7.26 10.28 11.95
N GLN C 35 6.62 10.96 12.88
CA GLN C 35 5.35 11.63 12.49
C GLN C 35 5.34 13.07 12.85
N LEU C 36 4.70 13.82 11.97
CA LEU C 36 4.78 15.23 11.77
C LEU C 36 3.33 15.67 11.77
N ARG C 37 3.10 16.93 12.10
CA ARG C 37 1.75 17.37 12.31
C ARG C 37 1.55 18.80 11.80
N GLY C 38 0.42 19.05 11.12
CA GLY C 38 0.32 20.41 10.59
C GLY C 38 -0.74 20.59 9.56
N GLN C 39 -0.46 21.54 8.69
CA GLN C 39 -1.42 21.89 7.69
C GLN C 39 -0.74 22.02 6.38
N VAL C 40 -1.41 21.57 5.34
CA VAL C 40 -0.92 21.67 3.92
C VAL C 40 -1.30 23.02 3.24
N LYS C 41 -0.30 23.94 3.17
CA LYS C 41 -0.15 25.08 2.32
C LYS C 41 -0.17 24.94 0.72
N GLY C 42 -0.03 23.68 0.22
CA GLY C 42 0.13 23.44 -1.27
C GLY C 42 0.76 22.07 -1.53
N PHE C 43 0.77 21.63 -2.79
CA PHE C 43 1.34 20.37 -3.13
C PHE C 43 1.60 20.43 -4.65
N ASP C 44 2.50 19.60 -5.14
CA ASP C 44 2.62 19.34 -6.52
C ASP C 44 2.80 17.82 -6.71
N ASN C 45 3.17 17.45 -7.93
CA ASN C 45 3.46 16.06 -8.30
C ASN C 45 4.33 15.23 -7.34
N PHE C 46 5.33 15.90 -6.83
CA PHE C 46 6.41 15.24 -6.10
C PHE C 46 6.46 15.58 -4.56
N THR C 47 5.79 16.68 -4.10
CA THR C 47 6.10 17.34 -2.80
C THR C 47 4.81 17.92 -2.16
N VAL C 48 4.77 17.97 -0.81
CA VAL C 48 3.70 18.52 -0.02
C VAL C 48 4.37 19.63 0.90
N LEU C 49 4.05 20.90 0.67
CA LEU C 49 4.36 22.02 1.58
C LEU C 49 3.44 21.93 2.83
N LEU C 50 4.04 21.56 3.96
CA LEU C 50 3.39 21.55 5.24
C LEU C 50 3.90 22.79 6.06
N GLU C 51 2.94 23.56 6.61
CA GLU C 51 3.22 24.41 7.82
C GLU C 51 3.15 23.70 9.14
N SER C 52 4.21 23.85 9.89
CA SER C 52 4.17 23.14 11.14
C SER C 52 4.56 24.04 12.27
N GLU C 53 3.53 24.43 13.01
CA GLU C 53 3.62 25.60 13.91
C GLU C 53 4.59 26.78 13.53
N GLY C 54 4.14 27.51 12.52
CA GLY C 54 4.77 28.73 11.99
C GLY C 54 5.76 28.41 10.92
N LYS C 55 6.09 27.13 10.83
CA LYS C 55 7.31 26.66 10.16
C LYS C 55 7.06 25.85 8.86
N GLN C 56 7.93 26.04 7.87
CA GLN C 56 7.75 25.42 6.57
C GLN C 56 8.60 24.20 6.34
N GLN C 57 7.92 23.13 5.99
CA GLN C 57 8.69 21.93 5.58
C GLN C 57 8.21 21.52 4.22
N LEU C 58 9.15 21.51 3.23
CA LEU C 58 8.89 20.89 1.94
C LEU C 58 9.21 19.37 2.14
N ILE C 59 8.20 18.50 2.21
CA ILE C 59 8.27 17.01 2.23
C ILE C 59 8.11 16.38 0.76
N TYR C 60 9.05 15.56 0.33
CA TYR C 60 8.84 14.71 -0.81
C TYR C 60 7.74 13.66 -0.56
N LYS C 61 6.77 13.50 -1.44
CA LYS C 61 5.84 12.39 -1.07
C LYS C 61 6.39 11.02 -1.02
N HIS C 62 7.53 10.79 -1.67
CA HIS C 62 8.23 9.40 -1.65
C HIS C 62 8.65 9.08 -0.26
N ALA C 63 8.67 10.14 0.61
CA ALA C 63 9.19 9.90 2.04
C ALA C 63 7.97 9.72 2.95
N ILE C 64 6.79 9.69 2.38
CA ILE C 64 5.53 9.75 3.14
C ILE C 64 4.82 8.50 2.97
N SER C 65 4.35 8.05 4.10
CA SER C 65 3.58 6.93 4.17
C SER C 65 2.07 7.23 4.17
N THR C 66 1.58 7.98 5.19
CA THR C 66 0.11 8.15 5.45
C THR C 66 -0.30 9.58 5.91
N PHE C 67 -1.40 10.09 5.36
CA PHE C 67 -2.17 11.25 5.88
C PHE C 67 -3.31 10.83 6.77
N ALA C 68 -3.24 11.31 8.00
CA ALA C 68 -4.32 11.15 8.97
C ALA C 68 -4.70 12.59 9.30
N PRO C 69 -5.83 13.09 8.73
CA PRO C 69 -6.31 14.46 8.95
C PRO C 69 -7.13 14.49 10.27
N GLN C 70 -7.67 15.67 10.58
CA GLN C 70 -8.42 15.88 11.87
C GLN C 70 -9.83 15.23 11.82
N LYS C 71 -10.83 15.86 11.21
CA LYS C 71 -12.06 15.09 10.89
C LYS C 71 -12.08 14.79 9.39
N ASN C 72 -13.09 14.04 8.98
CA ASN C 72 -13.23 13.50 7.64
C ASN C 72 -13.69 14.46 6.51
N VAL C 73 -12.91 14.50 5.39
CA VAL C 73 -13.26 15.38 4.28
C VAL C 73 -14.20 14.70 3.31
N GLN C 74 -14.61 15.45 2.29
CA GLN C 74 -15.81 15.14 1.50
C GLN C 74 -15.32 14.89 0.08
N LEU C 75 -15.36 13.64 -0.33
CA LEU C 75 -14.71 13.22 -1.56
C LEU C 75 -15.70 12.61 -2.53
#